data_5PHM
#
_entry.id   5PHM
#
_cell.length_a   71.514
_cell.length_b   71.514
_cell.length_c   150.420
_cell.angle_alpha   90.000
_cell.angle_beta   90.000
_cell.angle_gamma   90.000
#
_symmetry.space_group_name_H-M   'P 43 21 2'
#
loop_
_entity.id
_entity.type
_entity.pdbx_description
1 polymer 'Lysine-specific demethylase 4D'
2 non-polymer 'ZINC ION'
3 non-polymer 'NICKEL (II) ION'
4 non-polymer N-OXALYLGLYCINE
5 non-polymer 1,2-ETHANEDIOL
6 non-polymer 'SULFATE ION'
7 non-polymer O-TOLUENESULFONAMIDE
8 water water
#
_entity_poly.entity_id   1
_entity_poly.type   'polypeptide(L)'
_entity_poly.pdbx_seq_one_letter_code
;MHHHHHHSSGVDLGTENLYFQSMETMKSKANCAQNPNCNIMIFHPTKEEFNDFDKYIAYMESQGAHRAGLAKIIPPKEWK
ARETYDNISEILIATPLQQVASGRAGVFTQYHKKKKAMTVGEYRHLANSKKYQTPPHQNFEDLERKYWKNRIYNSPIYGA
DISGSLFDENTKQWNLGHLGTIQDLLEKECGVVIEGVNTPYLYFGMWKTTFAWHTEDMDLYSINYLHLGEPKTWYVVPPE
HGQRLERLARELFPGSSRGCGAFLRHKVALISPTVLKENGIPFNRITQEAGEFMVTFPYGYHAGFNHGFNCAEAINFATP
RWIDYGKMASQCSCGEARVTFSMDAFVRILQPERYDLWKRGQDR
;
_entity_poly.pdbx_strand_id   A
#
# COMPACT_ATOMS: atom_id res chain seq x y z
N ALA A 33 -5.78 8.33 -26.37
CA ALA A 33 -5.77 8.05 -24.94
C ALA A 33 -4.48 8.55 -24.27
N GLN A 34 -4.62 9.14 -23.09
CA GLN A 34 -3.47 9.67 -22.37
CA GLN A 34 -3.46 9.67 -22.39
C GLN A 34 -2.64 8.57 -21.72
N ASN A 35 -1.32 8.75 -21.73
CA ASN A 35 -0.40 7.83 -21.06
C ASN A 35 -0.55 6.37 -21.49
N PRO A 36 -0.47 6.11 -22.81
CA PRO A 36 -0.75 4.75 -23.29
C PRO A 36 0.28 3.70 -22.87
N ASN A 37 1.51 4.12 -22.59
CA ASN A 37 2.53 3.18 -22.12
C ASN A 37 2.43 2.96 -20.60
N CYS A 38 1.49 3.63 -19.94
CA CYS A 38 1.21 3.37 -18.51
C CYS A 38 2.40 3.71 -17.61
N ASN A 39 3.06 4.82 -17.91
CA ASN A 39 4.19 5.28 -17.10
C ASN A 39 3.75 5.93 -15.80
N ILE A 40 4.57 5.79 -14.75
CA ILE A 40 4.31 6.49 -13.50
C ILE A 40 4.53 7.98 -13.70
N MET A 41 3.50 8.77 -13.44
CA MET A 41 3.60 10.22 -13.58
C MET A 41 3.92 10.90 -12.26
N ILE A 42 4.62 12.04 -12.34
CA ILE A 42 5.00 12.82 -11.18
C ILE A 42 4.40 14.21 -11.31
N PHE A 43 3.70 14.66 -10.26
CA PHE A 43 2.98 15.94 -10.29
C PHE A 43 3.55 16.92 -9.28
N HIS A 44 3.56 18.19 -9.68
CA HIS A 44 4.00 19.29 -8.83
C HIS A 44 2.90 20.33 -8.70
N PRO A 45 1.83 20.04 -7.95
CA PRO A 45 0.74 21.01 -7.81
C PRO A 45 1.19 22.34 -7.18
N THR A 46 0.61 23.43 -7.65
CA THR A 46 0.83 24.72 -7.00
C THR A 46 0.04 24.73 -5.70
N LYS A 47 0.31 25.69 -4.83
CA LYS A 47 -0.45 25.79 -3.60
C LYS A 47 -1.94 26.02 -3.87
N GLU A 48 -2.28 26.75 -4.93
CA GLU A 48 -3.68 26.92 -5.29
C GLU A 48 -4.32 25.58 -5.72
N GLU A 49 -3.59 24.81 -6.53
CA GLU A 49 -4.06 23.51 -6.98
C GLU A 49 -4.21 22.50 -5.84
N PHE A 50 -3.48 22.73 -4.75
CA PHE A 50 -3.42 21.80 -3.63
C PHE A 50 -4.61 21.98 -2.68
N ASN A 51 -5.46 22.96 -2.97
CA ASN A 51 -6.60 23.27 -2.10
C ASN A 51 -7.80 22.31 -2.24
N ASP A 52 -7.93 21.67 -3.39
CA ASP A 52 -9.07 20.81 -3.65
C ASP A 52 -8.59 19.42 -4.02
N PHE A 53 -8.61 18.52 -3.04
CA PHE A 53 -8.09 17.17 -3.20
C PHE A 53 -8.79 16.42 -4.33
N ASP A 54 -10.12 16.34 -4.27
N ASP A 54 -10.12 16.36 -4.28
CA ASP A 54 -10.89 15.61 -5.27
CA ASP A 54 -10.87 15.59 -5.26
C ASP A 54 -10.61 16.12 -6.67
C ASP A 54 -10.71 16.13 -6.69
N LYS A 55 -10.57 17.45 -6.82
CA LYS A 55 -10.35 18.07 -8.12
C LYS A 55 -8.97 17.70 -8.66
N TYR A 56 -7.97 17.64 -7.79
CA TYR A 56 -6.63 17.31 -8.25
C TYR A 56 -6.50 15.84 -8.67
N ILE A 57 -7.12 14.94 -7.91
CA ILE A 57 -7.12 13.54 -8.32
C ILE A 57 -7.76 13.40 -9.70
N ALA A 58 -8.90 14.06 -9.90
CA ALA A 58 -9.56 14.03 -11.20
C ALA A 58 -8.66 14.60 -12.31
N TYR A 59 -7.93 15.66 -12.00
CA TYR A 59 -6.99 16.22 -12.95
C TYR A 59 -5.88 15.22 -13.34
N MET A 60 -5.30 14.57 -12.34
N MET A 60 -5.30 14.57 -12.34
CA MET A 60 -4.27 13.56 -12.61
CA MET A 60 -4.26 13.57 -12.61
C MET A 60 -4.79 12.49 -13.56
C MET A 60 -4.79 12.48 -13.55
N GLU A 61 -6.01 12.03 -13.31
CA GLU A 61 -6.61 11.01 -14.16
C GLU A 61 -6.91 11.52 -15.58
N SER A 62 -7.25 12.79 -15.71
CA SER A 62 -7.46 13.38 -17.03
C SER A 62 -6.18 13.34 -17.86
N GLN A 63 -5.03 13.28 -17.17
CA GLN A 63 -3.74 13.18 -17.84
C GLN A 63 -3.26 11.73 -17.99
N GLY A 64 -4.10 10.77 -17.58
CA GLY A 64 -3.79 9.36 -17.70
C GLY A 64 -2.98 8.75 -16.56
N ALA A 65 -2.87 9.45 -15.44
CA ALA A 65 -2.03 8.97 -14.34
C ALA A 65 -2.42 7.58 -13.85
N HIS A 66 -3.73 7.32 -13.77
CA HIS A 66 -4.22 6.05 -13.23
C HIS A 66 -3.79 4.84 -14.04
N ARG A 67 -3.45 5.03 -15.31
CA ARG A 67 -3.08 3.89 -16.15
C ARG A 67 -1.84 3.17 -15.62
N ALA A 68 -0.97 3.89 -14.92
CA ALA A 68 0.23 3.29 -14.33
C ALA A 68 -0.09 2.44 -13.10
N GLY A 69 -1.17 2.78 -12.40
CA GLY A 69 -1.47 2.17 -11.11
C GLY A 69 -0.93 2.92 -9.91
N LEU A 70 -0.03 3.88 -10.16
CA LEU A 70 0.68 4.62 -9.12
C LEU A 70 1.10 5.99 -9.65
N ALA A 71 1.00 7.03 -8.83
CA ALA A 71 1.49 8.37 -9.17
C ALA A 71 2.22 8.96 -7.97
N LYS A 72 3.21 9.82 -8.24
CA LYS A 72 3.87 10.61 -7.19
C LYS A 72 3.37 12.05 -7.22
N ILE A 73 3.09 12.60 -6.03
CA ILE A 73 2.72 14.00 -5.91
C ILE A 73 3.69 14.71 -4.95
N ILE A 74 4.40 15.69 -5.48
CA ILE A 74 5.32 16.47 -4.68
C ILE A 74 4.57 17.73 -4.23
N PRO A 75 4.38 17.91 -2.91
CA PRO A 75 3.59 19.06 -2.47
C PRO A 75 4.26 20.40 -2.73
N PRO A 76 3.48 21.50 -2.77
CA PRO A 76 4.05 22.83 -2.95
C PRO A 76 5.06 23.14 -1.86
N LYS A 77 6.07 23.96 -2.19
CA LYS A 77 7.12 24.30 -1.24
C LYS A 77 6.60 25.01 0.01
N GLU A 78 5.43 25.63 -0.11
CA GLU A 78 4.84 26.36 1.01
C GLU A 78 4.13 25.45 2.03
N TRP A 79 3.92 24.20 1.66
CA TRP A 79 3.12 23.27 2.47
C TRP A 79 3.99 22.45 3.42
N LYS A 80 3.40 22.09 4.57
CA LYS A 80 4.08 21.26 5.57
CA LYS A 80 4.07 21.19 5.49
C LYS A 80 3.06 20.34 6.23
N ALA A 81 3.44 19.10 6.52
CA ALA A 81 2.54 18.18 7.22
C ALA A 81 2.40 18.56 8.68
N ARG A 82 3.50 18.99 9.28
CA ARG A 82 3.54 19.41 10.68
C ARG A 82 4.82 20.21 10.88
N GLU A 83 4.97 20.84 12.05
CA GLU A 83 6.12 21.70 12.30
C GLU A 83 7.43 20.92 12.42
N THR A 84 7.47 19.92 13.28
CA THR A 84 8.67 19.08 13.42
C THR A 84 8.28 17.67 13.83
N TYR A 85 9.25 16.75 13.72
CA TYR A 85 9.03 15.37 14.14
C TYR A 85 9.77 15.07 15.46
N ASP A 86 9.99 16.13 16.25
CA ASP A 86 10.82 16.04 17.45
C ASP A 86 10.32 15.17 18.59
N ASN A 87 9.00 15.05 18.71
CA ASN A 87 8.42 14.41 19.88
C ASN A 87 7.56 13.20 19.52
N ILE A 88 8.08 12.35 18.62
CA ILE A 88 7.35 11.16 18.18
C ILE A 88 7.89 9.86 18.79
N SER A 89 8.92 9.98 19.61
CA SER A 89 9.62 8.78 20.08
C SER A 89 8.78 7.98 21.07
N GLU A 90 7.75 8.59 21.64
CA GLU A 90 6.94 7.92 22.64
C GLU A 90 5.72 7.20 22.07
N ILE A 91 5.50 7.31 20.76
CA ILE A 91 4.50 6.47 20.09
C ILE A 91 4.83 5.01 20.35
N LEU A 92 3.81 4.19 20.63
CA LEU A 92 4.02 2.77 20.87
C LEU A 92 3.71 1.94 19.63
N ILE A 93 4.63 1.03 19.32
CA ILE A 93 4.38 -0.02 18.35
C ILE A 93 4.00 -1.27 19.16
N ALA A 94 2.70 -1.48 19.34
CA ALA A 94 2.23 -2.53 20.25
C ALA A 94 2.60 -3.93 19.77
N THR A 95 2.63 -4.12 18.45
CA THR A 95 2.91 -5.44 17.90
C THR A 95 3.86 -5.34 16.69
N PRO A 96 5.16 -5.13 16.95
CA PRO A 96 6.13 -5.15 15.85
C PRO A 96 6.10 -6.52 15.16
N LEU A 97 6.30 -6.53 13.85
CA LEU A 97 6.23 -7.78 13.08
C LEU A 97 7.56 -8.12 12.44
N GLN A 98 8.09 -9.32 12.77
CA GLN A 98 9.34 -9.79 12.19
C GLN A 98 8.99 -10.52 10.89
N GLN A 99 9.55 -10.05 9.78
CA GLN A 99 9.14 -10.55 8.46
C GLN A 99 10.08 -11.64 7.97
N VAL A 100 9.66 -12.88 8.17
CA VAL A 100 10.49 -14.05 7.91
C VAL A 100 10.18 -14.62 6.51
N ALA A 101 11.20 -14.76 5.68
CA ALA A 101 11.01 -15.19 4.29
C ALA A 101 11.21 -16.69 4.07
N SER A 102 10.53 -17.23 3.07
CA SER A 102 10.72 -18.61 2.62
C SER A 102 10.68 -18.64 1.10
N GLY A 103 11.60 -19.38 0.47
CA GLY A 103 11.56 -19.51 -0.97
C GLY A 103 12.93 -19.22 -1.57
N ARG A 104 12.91 -18.57 -2.73
N ARG A 104 12.92 -18.64 -2.77
CA ARG A 104 14.13 -18.21 -3.43
CA ARG A 104 14.17 -18.23 -3.42
C ARG A 104 14.26 -16.70 -3.45
C ARG A 104 14.25 -16.71 -3.51
N ALA A 105 15.44 -16.20 -3.83
CA ALA A 105 15.72 -14.77 -3.74
C ALA A 105 14.70 -13.92 -4.49
N GLY A 106 14.28 -14.38 -5.67
CA GLY A 106 13.36 -13.62 -6.49
C GLY A 106 11.89 -14.04 -6.43
N VAL A 107 11.59 -15.13 -5.72
CA VAL A 107 10.22 -15.63 -5.59
C VAL A 107 10.09 -16.20 -4.18
N PHE A 108 9.44 -15.47 -3.29
CA PHE A 108 9.38 -15.89 -1.90
C PHE A 108 8.10 -15.41 -1.24
N THR A 109 7.75 -16.05 -0.13
CA THR A 109 6.68 -15.54 0.72
C THR A 109 7.28 -15.04 2.02
N GLN A 110 6.54 -14.22 2.74
CA GLN A 110 6.97 -13.82 4.07
C GLN A 110 5.82 -14.01 5.05
N TYR A 111 6.16 -14.42 6.26
CA TYR A 111 5.17 -14.46 7.31
C TYR A 111 5.58 -13.51 8.42
N HIS A 112 4.60 -13.09 9.20
CA HIS A 112 4.82 -12.09 10.23
CA HIS A 112 4.84 -12.09 10.23
C HIS A 112 4.78 -12.72 11.61
N LYS A 113 5.94 -12.72 12.27
CA LYS A 113 6.07 -13.21 13.62
C LYS A 113 5.95 -12.04 14.59
N LYS A 114 5.02 -12.14 15.53
CA LYS A 114 4.77 -11.06 16.47
C LYS A 114 5.90 -10.93 17.50
N LYS A 115 6.32 -9.70 17.77
CA LYS A 115 7.35 -9.44 18.77
C LYS A 115 6.77 -8.58 19.90
N LYS A 116 7.53 -8.45 20.98
CA LYS A 116 7.11 -7.62 22.10
C LYS A 116 7.03 -6.14 21.73
N ALA A 117 6.14 -5.42 22.41
CA ALA A 117 5.94 -4.00 22.16
C ALA A 117 7.22 -3.18 22.34
N MET A 118 7.35 -2.12 21.56
N MET A 118 7.37 -2.16 21.50
CA MET A 118 8.44 -1.19 21.76
CA MET A 118 8.47 -1.20 21.58
C MET A 118 8.02 0.19 21.28
C MET A 118 7.91 0.21 21.39
N THR A 119 8.63 1.22 21.86
CA THR A 119 8.34 2.58 21.43
C THR A 119 9.03 2.87 20.11
N VAL A 120 8.60 3.95 19.45
CA VAL A 120 9.26 4.38 18.22
C VAL A 120 10.74 4.70 18.46
N GLY A 121 11.07 5.28 19.62
CA GLY A 121 12.46 5.53 19.95
C GLY A 121 13.29 4.24 20.03
N GLU A 122 12.73 3.22 20.66
CA GLU A 122 13.40 1.92 20.74
C GLU A 122 13.54 1.29 19.35
N TYR A 123 12.48 1.40 18.55
CA TYR A 123 12.45 0.85 17.19
C TYR A 123 13.51 1.53 16.31
N ARG A 124 13.62 2.85 16.41
CA ARG A 124 14.60 3.60 15.63
C ARG A 124 16.02 3.14 15.99
N HIS A 125 16.28 2.97 17.28
CA HIS A 125 17.58 2.48 17.73
C HIS A 125 17.87 1.09 17.17
N LEU A 126 16.86 0.23 17.16
CA LEU A 126 17.01 -1.11 16.62
C LEU A 126 17.30 -1.06 15.11
N ALA A 127 16.56 -0.22 14.38
CA ALA A 127 16.75 -0.04 12.93
C ALA A 127 18.19 0.37 12.61
N ASN A 128 18.77 1.20 13.47
CA ASN A 128 20.10 1.75 13.25
C ASN A 128 21.24 0.86 13.78
N SER A 129 20.89 -0.25 14.41
CA SER A 129 21.90 -1.15 14.96
C SER A 129 22.67 -1.86 13.86
N LYS A 130 23.83 -2.42 14.20
CA LYS A 130 24.63 -3.10 13.19
C LYS A 130 23.86 -4.23 12.49
N LYS A 131 23.04 -4.94 13.26
CA LYS A 131 22.29 -6.08 12.73
C LYS A 131 21.29 -5.69 11.64
N TYR A 132 20.69 -4.50 11.77
CA TYR A 132 19.55 -4.12 10.94
C TYR A 132 19.78 -2.92 10.01
N GLN A 133 20.87 -2.19 10.20
N GLN A 133 20.87 -2.19 10.20
CA GLN A 133 21.10 -0.95 9.47
CA GLN A 133 21.08 -0.95 9.47
C GLN A 133 21.34 -1.17 7.98
C GLN A 133 21.36 -1.15 7.98
N THR A 134 20.97 -0.17 7.17
CA THR A 134 21.24 -0.18 5.74
C THR A 134 22.74 -0.33 5.49
N PRO A 135 23.12 -1.23 4.58
CA PRO A 135 24.55 -1.43 4.27
C PRO A 135 25.12 -0.30 3.42
N PRO A 136 26.46 -0.19 3.38
CA PRO A 136 27.08 0.76 2.46
C PRO A 136 26.63 0.45 1.03
N HIS A 137 26.41 1.49 0.24
CA HIS A 137 25.91 1.32 -1.12
C HIS A 137 26.22 2.58 -1.94
N GLN A 138 26.26 2.41 -3.25
CA GLN A 138 26.68 3.49 -4.14
CA GLN A 138 26.68 3.49 -4.14
C GLN A 138 25.54 4.45 -4.51
N ASN A 139 24.33 3.91 -4.66
CA ASN A 139 23.17 4.70 -5.08
C ASN A 139 21.89 3.87 -4.91
N PHE A 140 20.72 4.38 -5.31
CA PHE A 140 19.48 3.62 -5.18
CA PHE A 140 19.46 3.63 -5.17
C PHE A 140 19.53 2.30 -5.92
N GLU A 141 20.15 2.30 -7.11
CA GLU A 141 20.22 1.11 -7.95
CA GLU A 141 20.24 1.11 -7.96
C GLU A 141 21.03 -0.01 -7.29
N ASP A 142 22.15 0.37 -6.66
CA ASP A 142 23.00 -0.59 -5.96
C ASP A 142 22.23 -1.16 -4.77
N LEU A 143 21.51 -0.30 -4.05
CA LEU A 143 20.72 -0.75 -2.92
C LEU A 143 19.60 -1.71 -3.36
N GLU A 144 18.96 -1.39 -4.48
CA GLU A 144 17.93 -2.27 -5.07
C GLU A 144 18.50 -3.66 -5.41
N ARG A 145 19.69 -3.70 -6.01
N ARG A 145 19.69 -3.69 -6.01
CA ARG A 145 20.31 -4.99 -6.30
CA ARG A 145 20.38 -4.94 -6.31
C ARG A 145 20.61 -5.77 -5.02
C ARG A 145 20.59 -5.74 -5.04
N LYS A 146 21.11 -5.08 -4.00
CA LYS A 146 21.36 -5.73 -2.72
C LYS A 146 20.07 -6.27 -2.10
N TYR A 147 19.00 -5.49 -2.17
CA TYR A 147 17.72 -5.93 -1.63
C TYR A 147 17.29 -7.26 -2.25
N TRP A 148 17.24 -7.34 -3.58
CA TRP A 148 16.74 -8.56 -4.21
C TRP A 148 17.69 -9.74 -4.09
N LYS A 149 18.98 -9.46 -3.95
CA LYS A 149 19.96 -10.51 -3.78
CA LYS A 149 19.96 -10.52 -3.78
C LYS A 149 19.88 -11.14 -2.40
N ASN A 150 19.70 -10.29 -1.38
CA ASN A 150 19.90 -10.70 0.02
C ASN A 150 18.70 -10.63 0.95
N ARG A 151 17.57 -10.11 0.50
CA ARG A 151 16.39 -9.95 1.36
C ARG A 151 16.03 -11.22 2.13
N ILE A 152 16.04 -12.36 1.44
CA ILE A 152 15.52 -13.57 2.08
C ILE A 152 16.37 -14.05 3.25
N TYR A 153 17.62 -13.60 3.32
CA TYR A 153 18.55 -14.07 4.35
C TYR A 153 18.48 -13.27 5.65
N ASN A 154 17.54 -12.32 5.71
CA ASN A 154 17.36 -11.50 6.92
C ASN A 154 15.89 -11.43 7.28
N SER A 155 15.60 -11.06 8.52
CA SER A 155 14.22 -10.93 8.96
CA SER A 155 14.21 -10.93 8.96
C SER A 155 13.99 -9.59 9.66
N PRO A 156 13.80 -8.53 8.87
CA PRO A 156 13.65 -7.19 9.45
C PRO A 156 12.33 -7.08 10.21
N ILE A 157 12.25 -6.09 11.08
CA ILE A 157 11.07 -5.90 11.92
C ILE A 157 10.37 -4.64 11.47
N TYR A 158 9.04 -4.74 11.25
N TYR A 158 9.07 -4.71 11.23
CA TYR A 158 8.18 -3.67 10.70
CA TYR A 158 8.37 -3.51 10.81
C TYR A 158 7.14 -3.26 11.75
C TYR A 158 7.10 -3.23 11.62
N GLY A 159 6.94 -1.96 11.94
CA GLY A 159 5.83 -1.49 12.73
C GLY A 159 4.70 -1.05 11.82
N ALA A 160 3.84 -1.97 11.43
CA ALA A 160 2.82 -1.69 10.42
C ALA A 160 1.41 -1.59 10.99
N ASP A 161 0.54 -0.91 10.24
CA ASP A 161 -0.89 -0.88 10.54
C ASP A 161 -1.20 -0.34 11.95
N ILE A 162 -0.56 0.76 12.31
CA ILE A 162 -0.80 1.39 13.60
C ILE A 162 -1.79 2.53 13.41
N SER A 163 -2.99 2.40 13.98
N SER A 163 -2.97 2.40 14.00
CA SER A 163 -3.99 3.45 13.82
CA SER A 163 -4.00 3.45 13.87
C SER A 163 -3.48 4.76 14.43
C SER A 163 -3.51 4.77 14.45
N GLY A 164 -3.52 5.83 13.64
CA GLY A 164 -3.05 7.12 14.10
C GLY A 164 -2.68 8.05 12.95
N SER A 165 -2.26 9.27 13.30
CA SER A 165 -1.87 10.27 12.31
C SER A 165 -0.77 11.17 12.85
N LEU A 166 0.11 11.62 11.96
CA LEU A 166 1.13 12.60 12.32
C LEU A 166 0.90 13.94 11.65
N PHE A 167 -0.23 14.12 10.97
CA PHE A 167 -0.54 15.44 10.42
C PHE A 167 -1.02 16.39 11.53
N ASP A 168 -0.50 17.62 11.51
CA ASP A 168 -0.97 18.65 12.43
C ASP A 168 -2.44 18.93 12.13
N GLU A 169 -3.26 19.08 13.17
CA GLU A 169 -4.69 19.35 12.94
C GLU A 169 -4.91 20.63 12.14
N ASN A 170 -3.94 21.55 12.22
CA ASN A 170 -4.02 22.81 11.50
C ASN A 170 -3.61 22.73 10.03
N THR A 171 -3.08 21.59 9.61
CA THR A 171 -2.77 21.37 8.20
C THR A 171 -4.08 21.04 7.50
N LYS A 172 -4.55 21.98 6.68
CA LYS A 172 -5.87 21.84 6.11
C LYS A 172 -5.90 21.12 4.77
N GLN A 173 -4.77 21.16 4.05
N GLN A 173 -4.79 21.14 4.04
CA GLN A 173 -4.64 20.57 2.73
CA GLN A 173 -4.79 20.52 2.73
C GLN A 173 -3.99 19.19 2.79
C GLN A 173 -3.96 19.23 2.69
N TRP A 174 -4.52 18.21 2.04
CA TRP A 174 -3.91 16.89 1.95
C TRP A 174 -3.54 16.27 3.31
N ASN A 175 -4.42 16.52 4.28
CA ASN A 175 -4.28 15.95 5.61
C ASN A 175 -4.99 14.60 5.56
N LEU A 176 -4.24 13.52 5.67
CA LEU A 176 -4.81 12.19 5.46
C LEU A 176 -5.83 11.77 6.54
N GLY A 177 -5.94 12.54 7.62
CA GLY A 177 -6.98 12.30 8.60
C GLY A 177 -8.23 13.14 8.41
N HIS A 178 -8.24 13.98 7.37
CA HIS A 178 -9.38 14.86 7.10
C HIS A 178 -10.00 14.64 5.73
N LEU A 179 -9.77 13.48 5.12
CA LEU A 179 -10.35 13.22 3.80
C LEU A 179 -11.81 12.83 3.93
N GLY A 180 -12.59 13.12 2.89
CA GLY A 180 -13.93 12.59 2.80
C GLY A 180 -13.91 11.07 2.87
N THR A 181 -14.88 10.49 3.59
CA THR A 181 -14.84 9.05 3.85
C THR A 181 -15.38 8.25 2.68
N ILE A 182 -14.97 6.99 2.62
CA ILE A 182 -15.46 6.09 1.58
CA ILE A 182 -15.45 6.11 1.56
C ILE A 182 -16.95 5.85 1.75
N GLN A 183 -17.42 5.81 2.99
CA GLN A 183 -18.83 5.63 3.25
C GLN A 183 -19.65 6.80 2.70
N ASP A 184 -19.12 8.01 2.86
CA ASP A 184 -19.82 9.17 2.31
C ASP A 184 -19.77 9.20 0.79
N LEU A 185 -18.67 8.73 0.21
CA LEU A 185 -18.58 8.62 -1.24
C LEU A 185 -19.63 7.65 -1.78
N LEU A 186 -19.73 6.47 -1.16
N LEU A 186 -19.74 6.48 -1.15
CA LEU A 186 -20.73 5.50 -1.59
CA LEU A 186 -20.71 5.48 -1.59
C LEU A 186 -22.12 6.08 -1.49
C LEU A 186 -22.15 6.00 -1.45
N GLU A 187 -22.39 6.79 -0.39
CA GLU A 187 -23.68 7.40 -0.21
C GLU A 187 -23.98 8.47 -1.28
N LYS A 188 -22.99 9.30 -1.58
CA LYS A 188 -23.14 10.33 -2.61
C LYS A 188 -23.41 9.72 -3.99
N GLU A 189 -22.73 8.62 -4.29
CA GLU A 189 -22.84 8.00 -5.61
C GLU A 189 -24.04 7.07 -5.78
N CYS A 190 -24.39 6.37 -4.71
N CYS A 190 -24.40 6.33 -4.74
CA CYS A 190 -25.37 5.29 -4.80
CA CYS A 190 -25.45 5.33 -4.89
C CYS A 190 -26.62 5.52 -3.98
C CYS A 190 -26.67 5.55 -4.00
N GLY A 191 -26.61 6.56 -3.14
CA GLY A 191 -27.77 6.91 -2.33
C GLY A 191 -28.06 6.00 -1.17
N VAL A 192 -27.12 5.17 -0.78
CA VAL A 192 -27.30 4.30 0.38
CA VAL A 192 -27.31 4.30 0.39
C VAL A 192 -26.41 4.71 1.54
N VAL A 193 -26.96 4.76 2.74
CA VAL A 193 -26.20 5.10 3.92
C VAL A 193 -25.74 3.81 4.56
N ILE A 194 -24.47 3.75 4.92
CA ILE A 194 -23.91 2.55 5.55
C ILE A 194 -23.09 2.88 6.79
N GLU A 195 -23.00 1.91 7.69
CA GLU A 195 -22.10 2.00 8.83
C GLU A 195 -20.64 1.91 8.38
N GLY A 196 -19.75 2.28 9.28
CA GLY A 196 -18.32 2.13 9.07
C GLY A 196 -17.57 3.43 9.10
N VAL A 197 -16.28 3.32 9.41
CA VAL A 197 -15.38 4.47 9.45
C VAL A 197 -14.09 4.08 8.77
N ASN A 198 -13.26 5.10 8.51
N ASN A 198 -13.34 5.06 8.29
CA ASN A 198 -12.10 5.03 7.63
CA ASN A 198 -12.01 4.76 7.84
C ASN A 198 -10.96 5.93 8.15
C ASN A 198 -11.08 5.84 8.32
N THR A 199 -9.98 5.39 8.89
CA THR A 199 -8.96 6.25 9.49
C THR A 199 -7.56 5.87 9.04
N PRO A 200 -6.60 6.78 9.19
CA PRO A 200 -5.25 6.52 8.70
C PRO A 200 -4.44 5.53 9.53
N TYR A 201 -3.41 4.96 8.93
N TYR A 201 -3.43 4.93 8.91
CA TYR A 201 -2.49 4.07 9.63
CA TYR A 201 -2.48 4.03 9.55
C TYR A 201 -1.05 4.53 9.46
C TYR A 201 -1.08 4.65 9.50
N LEU A 202 -0.26 4.34 10.50
CA LEU A 202 1.16 4.67 10.49
C LEU A 202 1.98 3.39 10.26
N TYR A 203 3.11 3.56 9.57
CA TYR A 203 4.04 2.46 9.27
C TYR A 203 5.44 2.91 9.60
N PHE A 204 6.08 2.21 10.53
CA PHE A 204 7.47 2.47 10.85
C PHE A 204 8.30 1.36 10.24
N GLY A 205 9.24 1.71 9.37
CA GLY A 205 10.03 0.73 8.63
C GLY A 205 11.51 0.81 8.92
N MET A 206 12.21 -0.23 8.46
CA MET A 206 13.67 -0.25 8.51
C MET A 206 14.17 -0.91 7.22
N TRP A 207 15.49 -0.95 7.04
CA TRP A 207 16.07 -1.61 5.88
C TRP A 207 15.46 -3.00 5.65
N LYS A 208 15.07 -3.26 4.41
CA LYS A 208 14.53 -4.55 3.97
C LYS A 208 13.08 -4.83 4.35
N THR A 209 12.48 -4.01 5.20
CA THR A 209 11.06 -4.12 5.48
CA THR A 209 11.06 -4.23 5.47
C THR A 209 10.30 -4.11 4.16
N THR A 210 9.33 -5.01 4.00
CA THR A 210 8.77 -5.31 2.70
C THR A 210 7.25 -5.29 2.68
N PHE A 211 6.66 -4.68 1.65
CA PHE A 211 5.24 -4.87 1.39
C PHE A 211 5.02 -5.77 0.16
N ALA A 212 4.27 -6.84 0.38
CA ALA A 212 4.02 -7.87 -0.63
C ALA A 212 3.10 -7.38 -1.75
N TRP A 213 3.10 -8.09 -2.87
CA TRP A 213 2.22 -7.76 -4.00
C TRP A 213 0.75 -7.77 -3.61
N HIS A 214 0.05 -6.67 -3.82
CA HIS A 214 -1.38 -6.59 -3.46
C HIS A 214 -2.07 -5.43 -4.16
N THR A 215 -3.39 -5.52 -4.25
CA THR A 215 -4.22 -4.33 -4.47
C THR A 215 -4.89 -3.99 -3.15
N GLU A 216 -5.55 -2.84 -3.07
CA GLU A 216 -6.20 -2.45 -1.82
C GLU A 216 -7.47 -3.27 -1.58
N ASP A 217 -7.94 -3.31 -0.33
CA ASP A 217 -9.24 -3.90 -0.02
C ASP A 217 -10.29 -3.31 -0.96
N MET A 218 -11.12 -4.16 -1.54
N MET A 218 -11.17 -4.14 -1.51
CA MET A 218 -12.19 -3.72 -2.42
CA MET A 218 -12.23 -3.68 -2.43
C MET A 218 -11.66 -2.93 -3.61
C MET A 218 -11.67 -2.94 -3.65
N ASP A 219 -10.38 -3.13 -3.93
CA ASP A 219 -9.69 -2.40 -5.00
C ASP A 219 -9.85 -0.89 -4.91
N LEU A 220 -9.82 -0.39 -3.68
CA LEU A 220 -9.84 1.05 -3.40
C LEU A 220 -8.55 1.76 -3.85
N TYR A 221 -8.58 3.09 -3.87
CA TYR A 221 -7.33 3.84 -3.97
C TYR A 221 -6.62 3.79 -2.62
N SER A 222 -5.33 4.11 -2.62
CA SER A 222 -4.65 4.45 -1.39
CA SER A 222 -4.65 4.44 -1.39
C SER A 222 -3.81 5.71 -1.60
N ILE A 223 -3.56 6.42 -0.52
CA ILE A 223 -2.63 7.54 -0.55
C ILE A 223 -1.67 7.35 0.61
N ASN A 224 -0.39 7.59 0.34
CA ASN A 224 0.69 7.30 1.27
C ASN A 224 1.62 8.50 1.33
N TYR A 225 1.82 9.04 2.53
CA TYR A 225 2.75 10.15 2.74
C TYR A 225 3.97 9.66 3.53
N LEU A 226 5.17 9.88 3.00
CA LEU A 226 6.39 9.52 3.70
C LEU A 226 6.80 10.69 4.61
N HIS A 227 6.49 10.58 5.90
CA HIS A 227 6.70 11.69 6.83
C HIS A 227 8.18 12.02 7.08
N LEU A 228 8.99 10.98 7.19
N LEU A 228 9.00 10.97 7.21
CA LEU A 228 10.33 11.13 7.77
CA LEU A 228 10.38 11.18 7.63
C LEU A 228 11.23 9.94 7.47
C LEU A 228 11.21 9.97 7.32
N GLY A 229 12.52 10.18 7.26
CA GLY A 229 13.47 9.10 7.16
C GLY A 229 13.88 8.70 5.76
N GLU A 230 14.30 7.44 5.63
CA GLU A 230 14.87 6.94 4.39
C GLU A 230 13.79 6.56 3.37
N PRO A 231 14.17 6.42 2.10
CA PRO A 231 13.17 6.22 1.05
C PRO A 231 12.42 4.89 1.08
N LYS A 232 11.40 4.82 0.23
CA LYS A 232 10.60 3.62 0.01
CA LYS A 232 10.64 3.60 -0.01
C LYS A 232 10.56 3.37 -1.51
N THR A 233 10.98 2.20 -1.97
CA THR A 233 10.91 1.87 -3.39
C THR A 233 9.64 1.08 -3.68
N TRP A 234 8.94 1.49 -4.75
CA TRP A 234 7.67 0.89 -5.15
C TRP A 234 7.79 0.21 -6.52
N TYR A 235 7.10 -0.92 -6.68
CA TYR A 235 6.89 -1.57 -7.97
C TYR A 235 5.37 -1.62 -8.22
N VAL A 236 4.95 -1.46 -9.47
CA VAL A 236 3.50 -1.40 -9.76
C VAL A 236 3.18 -1.97 -11.13
N VAL A 237 2.07 -2.71 -11.22
CA VAL A 237 1.57 -3.24 -12.47
C VAL A 237 0.34 -2.41 -12.90
N PRO A 238 0.28 -1.99 -14.17
CA PRO A 238 -0.89 -1.22 -14.62
C PRO A 238 -2.19 -1.97 -14.35
N PRO A 239 -3.24 -1.29 -13.86
CA PRO A 239 -4.52 -1.97 -13.65
C PRO A 239 -5.02 -2.77 -14.84
N GLU A 240 -4.81 -2.28 -16.06
CA GLU A 240 -5.31 -2.99 -17.23
C GLU A 240 -4.58 -4.31 -17.46
N HIS A 241 -3.47 -4.52 -16.75
CA HIS A 241 -2.70 -5.76 -16.87
C HIS A 241 -2.63 -6.58 -15.56
N GLY A 242 -3.46 -6.24 -14.59
CA GLY A 242 -3.41 -6.93 -13.30
C GLY A 242 -3.58 -8.44 -13.40
N GLN A 243 -4.44 -8.89 -14.32
CA GLN A 243 -4.68 -10.33 -14.43
CA GLN A 243 -4.70 -10.32 -14.48
C GLN A 243 -3.44 -11.08 -14.91
N ARG A 244 -2.54 -10.41 -15.61
CA ARG A 244 -1.28 -11.06 -16.01
C ARG A 244 -0.43 -11.38 -14.78
N LEU A 245 -0.40 -10.46 -13.82
CA LEU A 245 0.34 -10.71 -12.59
C LEU A 245 -0.32 -11.85 -11.81
N GLU A 246 -1.65 -11.86 -11.75
CA GLU A 246 -2.37 -12.93 -11.06
C GLU A 246 -2.05 -14.30 -11.65
N ARG A 247 -2.02 -14.39 -12.98
CA ARG A 247 -1.74 -15.67 -13.63
CA ARG A 247 -1.73 -15.68 -13.62
C ARG A 247 -0.33 -16.15 -13.30
N LEU A 248 0.65 -15.25 -13.32
CA LEU A 248 2.01 -15.61 -12.93
C LEU A 248 2.08 -16.05 -11.47
N ALA A 249 1.40 -15.30 -10.60
CA ALA A 249 1.40 -15.66 -9.18
C ALA A 249 0.84 -17.06 -8.95
N ARG A 250 -0.20 -17.44 -9.70
N ARG A 250 -0.20 -17.42 -9.70
CA ARG A 250 -0.77 -18.77 -9.56
CA ARG A 250 -0.77 -18.77 -9.55
C ARG A 250 0.23 -19.85 -9.97
C ARG A 250 0.25 -19.84 -9.95
N GLU A 251 1.05 -19.55 -10.97
CA GLU A 251 2.10 -20.47 -11.40
C GLU A 251 3.25 -20.57 -10.39
N LEU A 252 3.63 -19.43 -9.81
CA LEU A 252 4.78 -19.37 -8.89
C LEU A 252 4.48 -19.81 -7.47
N PHE A 253 3.22 -19.75 -7.07
CA PHE A 253 2.82 -20.12 -5.72
C PHE A 253 1.66 -21.10 -5.81
N PRO A 254 1.95 -22.30 -6.33
CA PRO A 254 0.85 -23.23 -6.69
C PRO A 254 0.04 -23.73 -5.49
N GLY A 255 0.69 -24.04 -4.37
CA GLY A 255 -0.05 -24.46 -3.18
C GLY A 255 -0.96 -23.36 -2.68
N SER A 256 -0.45 -22.13 -2.63
CA SER A 256 -1.26 -21.00 -2.19
C SER A 256 -2.48 -20.81 -3.06
N SER A 257 -2.27 -20.95 -4.36
CA SER A 257 -3.33 -20.77 -5.34
C SER A 257 -4.42 -21.82 -5.17
N ARG A 258 -4.03 -23.06 -4.91
CA ARG A 258 -5.03 -24.10 -4.67
C ARG A 258 -5.84 -23.84 -3.40
N GLY A 259 -5.22 -23.19 -2.42
CA GLY A 259 -5.88 -22.92 -1.15
C GLY A 259 -6.89 -21.79 -1.17
N CYS A 260 -6.70 -20.85 -2.10
CA CYS A 260 -7.54 -19.65 -2.13
C CYS A 260 -7.54 -19.01 -3.52
N GLY A 261 -8.74 -18.71 -4.03
CA GLY A 261 -8.89 -18.12 -5.35
C GLY A 261 -8.46 -16.67 -5.44
N ALA A 262 -8.12 -16.08 -4.31
CA ALA A 262 -7.64 -14.70 -4.27
C ALA A 262 -6.50 -14.56 -3.26
N PHE A 263 -5.53 -15.46 -3.33
CA PHE A 263 -4.51 -15.53 -2.29
C PHE A 263 -3.60 -14.30 -2.20
N LEU A 264 -3.52 -13.49 -3.25
CA LEU A 264 -2.73 -12.27 -3.15
C LEU A 264 -3.30 -11.33 -2.09
N ARG A 265 -4.59 -11.51 -1.77
CA ARG A 265 -5.23 -10.78 -0.67
C ARG A 265 -4.57 -11.09 0.67
N HIS A 266 -3.83 -12.19 0.76
CA HIS A 266 -3.13 -12.54 2.00
C HIS A 266 -1.92 -11.64 2.24
N LYS A 267 -1.46 -10.96 1.19
CA LYS A 267 -0.34 -10.03 1.30
C LYS A 267 0.93 -10.68 1.82
N VAL A 268 1.33 -11.78 1.18
CA VAL A 268 2.53 -12.49 1.60
C VAL A 268 3.50 -12.83 0.46
N ALA A 269 3.12 -12.58 -0.79
CA ALA A 269 3.93 -13.04 -1.92
C ALA A 269 4.80 -11.96 -2.54
N LEU A 270 6.08 -12.29 -2.77
CA LEU A 270 7.01 -11.38 -3.45
C LEU A 270 7.56 -12.01 -4.71
N ILE A 271 7.66 -11.19 -5.75
CA ILE A 271 8.23 -11.57 -7.04
C ILE A 271 9.12 -10.40 -7.47
N SER A 272 10.37 -10.70 -7.81
CA SER A 272 11.35 -9.65 -8.13
C SER A 272 11.15 -9.05 -9.53
N PRO A 273 11.70 -7.85 -9.76
CA PRO A 273 11.60 -7.26 -11.11
C PRO A 273 12.25 -8.16 -12.19
N THR A 274 13.33 -8.86 -11.85
CA THR A 274 13.94 -9.76 -12.83
C THR A 274 12.98 -10.88 -13.25
N VAL A 275 12.29 -11.46 -12.26
CA VAL A 275 11.33 -12.52 -12.56
C VAL A 275 10.13 -11.98 -13.35
N LEU A 276 9.68 -10.78 -13.01
CA LEU A 276 8.62 -10.14 -13.79
C LEU A 276 9.05 -9.96 -15.25
N LYS A 277 10.25 -9.45 -15.49
CA LYS A 277 10.73 -9.27 -16.86
CA LYS A 277 10.74 -9.28 -16.85
CA LYS A 277 10.73 -9.27 -16.86
C LYS A 277 10.83 -10.61 -17.60
N GLU A 278 11.34 -11.63 -16.91
CA GLU A 278 11.47 -12.96 -17.51
C GLU A 278 10.14 -13.53 -17.97
N ASN A 279 9.07 -13.10 -17.32
CA ASN A 279 7.73 -13.61 -17.61
C ASN A 279 6.84 -12.60 -18.36
N GLY A 280 7.44 -11.52 -18.84
CA GLY A 280 6.74 -10.55 -19.66
C GLY A 280 5.65 -9.78 -18.95
N ILE A 281 5.75 -9.61 -17.64
CA ILE A 281 4.75 -8.85 -16.90
C ILE A 281 5.07 -7.36 -16.96
N PRO A 282 4.13 -6.54 -17.47
CA PRO A 282 4.41 -5.11 -17.52
C PRO A 282 4.40 -4.50 -16.12
N PHE A 283 5.42 -3.70 -15.81
CA PHE A 283 5.49 -3.05 -14.51
C PHE A 283 6.39 -1.82 -14.58
N ASN A 284 6.30 -0.98 -13.56
CA ASN A 284 7.21 0.15 -13.40
C ASN A 284 7.70 0.23 -11.97
N ARG A 285 8.74 1.03 -11.76
N ARG A 285 8.74 1.04 -11.77
CA ARG A 285 9.28 1.24 -10.42
CA ARG A 285 9.36 1.24 -10.47
C ARG A 285 9.61 2.70 -10.20
C ARG A 285 9.55 2.73 -10.20
N ILE A 286 9.52 3.13 -8.94
CA ILE A 286 9.86 4.49 -8.58
C ILE A 286 10.20 4.52 -7.10
N THR A 287 11.07 5.45 -6.70
CA THR A 287 11.43 5.59 -5.29
C THR A 287 10.83 6.87 -4.72
N GLN A 288 10.11 6.71 -3.60
CA GLN A 288 9.48 7.80 -2.87
C GLN A 288 10.41 8.29 -1.76
N GLU A 289 10.58 9.60 -1.64
CA GLU A 289 11.43 10.18 -0.60
C GLU A 289 10.59 10.96 0.43
N ALA A 290 11.19 11.27 1.57
CA ALA A 290 10.50 12.00 2.62
C ALA A 290 9.91 13.30 2.09
N GLY A 291 8.66 13.57 2.47
CA GLY A 291 7.96 14.75 2.03
C GLY A 291 7.12 14.56 0.77
N GLU A 292 7.05 13.34 0.26
CA GLU A 292 6.32 13.07 -0.98
C GLU A 292 5.13 12.15 -0.75
N PHE A 293 4.06 12.40 -1.49
CA PHE A 293 2.88 11.53 -1.52
C PHE A 293 2.96 10.56 -2.69
N MET A 294 2.46 9.34 -2.47
CA MET A 294 2.15 8.41 -3.56
C MET A 294 0.67 8.08 -3.51
N VAL A 295 0.05 7.97 -4.69
CA VAL A 295 -1.33 7.48 -4.79
C VAL A 295 -1.35 6.20 -5.58
N THR A 296 -1.97 5.15 -5.03
CA THR A 296 -2.26 3.95 -5.81
C THR A 296 -3.70 3.99 -6.29
N PHE A 297 -3.91 3.51 -7.52
CA PHE A 297 -5.21 3.58 -8.18
C PHE A 297 -5.91 2.23 -8.13
N PRO A 298 -7.23 2.21 -8.26
CA PRO A 298 -7.99 0.95 -8.16
C PRO A 298 -7.39 -0.16 -9.03
N TYR A 299 -7.16 -1.31 -8.39
CA TYR A 299 -6.67 -2.51 -9.05
C TYR A 299 -5.23 -2.36 -9.59
N GLY A 300 -4.48 -1.43 -9.01
CA GLY A 300 -3.05 -1.31 -9.31
C GLY A 300 -2.24 -2.13 -8.32
N TYR A 301 -1.80 -3.32 -8.73
CA TYR A 301 -0.96 -4.16 -7.87
C TYR A 301 0.34 -3.45 -7.57
N HIS A 302 0.74 -3.45 -6.30
CA HIS A 302 2.01 -2.85 -5.91
C HIS A 302 2.72 -3.66 -4.83
N ALA A 303 4.04 -3.45 -4.74
CA ALA A 303 4.92 -4.09 -3.77
C ALA A 303 6.11 -3.17 -3.58
N GLY A 304 6.90 -3.39 -2.54
CA GLY A 304 8.08 -2.57 -2.36
C GLY A 304 8.84 -2.81 -1.08
N PHE A 305 9.80 -1.93 -0.82
CA PHE A 305 10.65 -2.09 0.36
C PHE A 305 11.17 -0.75 0.86
N ASN A 306 11.52 -0.71 2.14
CA ASN A 306 12.09 0.49 2.75
C ASN A 306 13.63 0.45 2.77
N HIS A 307 14.24 1.62 2.61
CA HIS A 307 15.70 1.73 2.52
C HIS A 307 16.39 1.75 3.86
N GLY A 308 15.66 2.09 4.92
CA GLY A 308 16.22 2.32 6.24
C GLY A 308 15.10 2.84 7.13
N PHE A 309 15.43 3.33 8.32
CA PHE A 309 14.40 3.81 9.24
C PHE A 309 13.54 4.87 8.59
N ASN A 310 12.22 4.68 8.65
CA ASN A 310 11.30 5.71 8.14
C ASN A 310 9.93 5.61 8.78
N CYS A 311 9.08 6.59 8.48
CA CYS A 311 7.70 6.58 8.95
C CYS A 311 6.80 7.09 7.84
N ALA A 312 5.81 6.28 7.47
CA ALA A 312 4.81 6.65 6.48
C ALA A 312 3.42 6.62 7.10
N GLU A 313 2.48 7.37 6.50
CA GLU A 313 1.09 7.36 6.91
C GLU A 313 0.27 7.08 5.65
N ALA A 314 -0.72 6.20 5.75
CA ALA A 314 -1.54 5.87 4.57
C ALA A 314 -3.00 5.65 4.93
N ILE A 315 -3.86 5.83 3.94
CA ILE A 315 -5.29 5.60 4.12
C ILE A 315 -5.89 5.25 2.77
N ASN A 316 -6.96 4.46 2.78
CA ASN A 316 -7.74 4.23 1.56
C ASN A 316 -8.73 5.35 1.30
N PHE A 317 -9.05 5.59 0.03
CA PHE A 317 -10.08 6.53 -0.33
C PHE A 317 -10.75 6.08 -1.62
N ALA A 318 -11.87 6.74 -1.95
CA ALA A 318 -12.65 6.41 -3.14
C ALA A 318 -12.99 7.67 -3.93
N THR A 319 -13.32 7.46 -5.20
CA THR A 319 -13.85 8.50 -6.09
C THR A 319 -14.99 7.86 -6.86
N PRO A 320 -15.76 8.64 -7.63
CA PRO A 320 -16.81 8.01 -8.43
C PRO A 320 -16.30 6.89 -9.36
N ARG A 321 -15.10 7.03 -9.89
CA ARG A 321 -14.57 6.01 -10.79
C ARG A 321 -14.29 4.68 -10.08
N TRP A 322 -14.11 4.73 -8.77
CA TRP A 322 -13.84 3.50 -8.01
C TRP A 322 -15.01 2.52 -8.00
N ILE A 323 -16.24 3.04 -8.02
CA ILE A 323 -17.41 2.19 -7.77
C ILE A 323 -17.42 0.93 -8.64
N ASP A 324 -17.14 1.08 -9.94
CA ASP A 324 -17.11 -0.07 -10.84
C ASP A 324 -16.04 -1.10 -10.45
N TYR A 325 -14.90 -0.65 -9.95
CA TYR A 325 -13.88 -1.58 -9.47
C TYR A 325 -14.32 -2.28 -8.19
N GLY A 326 -14.92 -1.53 -7.27
CA GLY A 326 -15.42 -2.13 -6.04
C GLY A 326 -16.41 -3.26 -6.30
N LYS A 327 -17.28 -3.10 -7.29
CA LYS A 327 -18.27 -4.10 -7.65
CA LYS A 327 -18.27 -4.13 -7.56
C LYS A 327 -17.66 -5.40 -8.17
N MET A 328 -16.47 -5.28 -8.75
CA MET A 328 -15.80 -6.41 -9.40
C MET A 328 -14.66 -7.01 -8.60
N ALA A 329 -14.32 -6.41 -7.46
CA ALA A 329 -13.15 -6.83 -6.70
C ALA A 329 -13.23 -8.29 -6.28
N SER A 330 -12.11 -9.01 -6.39
N SER A 330 -12.12 -9.00 -6.42
CA SER A 330 -12.06 -10.41 -5.98
CA SER A 330 -12.04 -10.37 -5.93
C SER A 330 -11.75 -10.55 -4.49
C SER A 330 -12.08 -10.34 -4.41
N GLN A 331 -12.45 -11.46 -3.82
CA GLN A 331 -12.40 -11.58 -2.37
C GLN A 331 -11.76 -12.88 -1.91
N CYS A 332 -11.02 -12.79 -0.80
CA CYS A 332 -10.57 -13.99 -0.10
C CYS A 332 -11.70 -14.50 0.80
N SER A 333 -12.02 -15.78 0.67
CA SER A 333 -13.02 -16.41 1.53
C SER A 333 -12.47 -17.63 2.27
N CYS A 334 -11.16 -17.87 2.13
CA CYS A 334 -10.53 -19.01 2.80
C CYS A 334 -10.29 -18.70 4.27
N GLY A 335 -10.44 -17.44 4.64
CA GLY A 335 -10.29 -17.03 6.02
C GLY A 335 -9.00 -16.31 6.35
N GLU A 336 -7.98 -16.46 5.50
CA GLU A 336 -6.67 -15.87 5.79
C GLU A 336 -6.67 -14.34 5.82
N ALA A 337 -7.25 -13.73 4.80
N ALA A 337 -7.29 -13.73 4.81
CA ALA A 337 -7.22 -12.28 4.65
CA ALA A 337 -7.27 -12.28 4.66
C ALA A 337 -8.00 -11.59 5.78
C ALA A 337 -7.76 -11.54 5.91
N ARG A 338 -7.42 -10.52 6.31
N ARG A 338 -9.00 -11.81 6.31
CA ARG A 338 -8.05 -9.77 7.39
CA ARG A 338 -9.59 -11.25 7.55
C ARG A 338 -9.10 -8.82 6.84
C ARG A 338 -9.38 -9.74 7.71
N VAL A 339 -10.22 -8.72 7.54
N VAL A 339 -10.37 -8.96 7.28
CA VAL A 339 -11.27 -7.79 7.15
CA VAL A 339 -10.21 -7.52 7.22
C VAL A 339 -11.44 -6.72 8.20
C VAL A 339 -11.07 -6.71 8.19
N THR A 340 -11.31 -5.45 7.82
CA THR A 340 -11.83 -4.41 8.68
CA THR A 340 -11.86 -4.44 8.69
C THR A 340 -13.37 -4.54 8.70
N PHE A 341 -14.04 -4.14 9.77
N PHE A 341 -13.92 -4.12 9.83
CA PHE A 341 -15.49 -4.26 9.72
CA PHE A 341 -15.36 -4.01 10.06
C PHE A 341 -16.09 -3.23 8.76
C PHE A 341 -16.05 -3.28 8.91
N SER A 342 -15.28 -2.27 8.33
N SER A 342 -15.40 -2.24 8.40
CA SER A 342 -15.72 -1.29 7.35
CA SER A 342 -16.01 -1.41 7.38
C SER A 342 -15.97 -1.97 6.01
C SER A 342 -16.14 -2.10 6.02
N MET A 343 -15.28 -3.07 5.76
CA MET A 343 -15.38 -3.79 4.50
C MET A 343 -16.71 -4.55 4.36
N ASP A 344 -17.28 -4.97 5.49
CA ASP A 344 -18.57 -5.67 5.45
C ASP A 344 -19.62 -4.96 4.62
N ALA A 345 -19.81 -3.66 4.87
CA ALA A 345 -20.84 -2.90 4.18
C ALA A 345 -20.55 -2.78 2.69
N PHE A 346 -19.26 -2.65 2.35
N PHE A 346 -19.28 -2.68 2.32
CA PHE A 346 -18.89 -2.54 0.94
CA PHE A 346 -18.96 -2.55 0.91
C PHE A 346 -19.31 -3.81 0.19
C PHE A 346 -19.23 -3.83 0.13
N VAL A 347 -18.99 -4.97 0.75
CA VAL A 347 -19.35 -6.25 0.12
C VAL A 347 -20.89 -6.39 0.11
N ARG A 348 -21.53 -6.05 1.21
CA ARG A 348 -22.97 -6.19 1.32
C ARG A 348 -23.74 -5.41 0.25
N ILE A 349 -23.33 -4.18 0.00
CA ILE A 349 -24.00 -3.31 -0.96
C ILE A 349 -23.51 -3.54 -2.40
N LEU A 350 -22.20 -3.62 -2.60
CA LEU A 350 -21.68 -3.72 -3.97
C LEU A 350 -21.64 -5.15 -4.52
N GLN A 351 -21.57 -6.13 -3.63
N GLN A 351 -21.53 -6.13 -3.63
CA GLN A 351 -21.45 -7.53 -4.03
CA GLN A 351 -21.47 -7.52 -4.05
C GLN A 351 -22.41 -8.45 -3.28
C GLN A 351 -22.40 -8.39 -3.22
N PRO A 352 -23.71 -8.14 -3.31
CA PRO A 352 -24.65 -8.90 -2.49
C PRO A 352 -24.62 -10.42 -2.73
N GLU A 353 -24.36 -10.89 -3.95
CA GLU A 353 -24.27 -12.33 -4.19
CA GLU A 353 -24.29 -12.34 -4.14
C GLU A 353 -23.14 -12.96 -3.35
N ARG A 354 -21.99 -12.30 -3.35
CA ARG A 354 -20.82 -12.83 -2.67
C ARG A 354 -20.95 -12.72 -1.16
N TYR A 355 -21.79 -11.82 -0.69
CA TYR A 355 -21.86 -11.50 0.73
C TYR A 355 -22.00 -12.73 1.66
N ASP A 356 -22.82 -13.70 1.27
CA ASP A 356 -22.96 -14.93 2.04
C ASP A 356 -21.64 -15.67 2.24
N LEU A 357 -21.02 -16.05 1.13
CA LEU A 357 -19.78 -16.84 1.17
C LEU A 357 -18.63 -16.10 1.83
N TRP A 358 -18.57 -14.79 1.59
CA TRP A 358 -17.50 -13.96 2.11
C TRP A 358 -17.60 -13.80 3.63
N LYS A 359 -18.83 -13.58 4.11
CA LYS A 359 -19.06 -13.36 5.53
C LYS A 359 -18.79 -14.63 6.34
N ARG A 360 -19.03 -15.77 5.72
CA ARG A 360 -18.70 -17.05 6.35
C ARG A 360 -17.21 -17.17 6.53
N GLY A 361 -16.46 -16.50 5.66
CA GLY A 361 -15.00 -16.54 5.69
C GLY A 361 -14.39 -15.73 6.81
N GLN A 362 -14.96 -14.54 7.07
CA GLN A 362 -14.43 -13.69 8.12
CA GLN A 362 -14.47 -13.65 8.11
C GLN A 362 -14.98 -14.07 9.49
N ASP A 363 -15.83 -15.10 9.52
CA ASP A 363 -16.39 -15.59 10.77
C ASP A 363 -16.00 -17.05 11.00
#